data_3Q4C
#
_entry.id   3Q4C
#
_cell.length_a   94.905
_cell.length_b   94.905
_cell.length_c   163.349
_cell.angle_alpha   90.00
_cell.angle_beta   90.00
_cell.angle_gamma   90.00
#
_symmetry.space_group_name_H-M   'P 41 21 2'
#
loop_
_entity.id
_entity.type
_entity.pdbx_description
1 polymer 'Serine/threonine-protein kinase B-raf'
2 non-polymer [(1,2,3,4,5,6-eta)-(1S,2R,3R,4R,5S,6S)-1-carboxycyclohexane-1,2,3,4,5,6-hexayl](chloro)(3-methyl-5,7-dioxo-6,7-dihydro-5H-pyrido[2,3-a]pyrrolo[3,4-c]carbazol-12-ide-kappa~2~N~1~,N~12~)ruthenium(1+)
#
_entity_poly.entity_id   1
_entity_poly.type   'polypeptide(L)'
_entity_poly.pdbx_seq_one_letter_code
;MDRGSHHHHHHGSEDRNRMKTLGRRDSSDDWEIPDGQITVGQRIGSGSFGTVYKGKWHGDVAVKMLNVTAPTPQQLQAFK
NEVGVLRKTRHVNILLFMGYSTKPQLAIVTQWCEGSSLYHHLHIIETKFEMIKLIDIARQTAQGMDYLHAKSIIHRDLKS
NNIFLHEDLTVKIGDFGLATVKSRWSGSHQFEQLSGSILWMAPEVIRMQDKNPYSFQSDVYAFGIVLYELMTGQLPYSNI
NNRDQIIFMVGRGYLSPDLSKVRSNCPKAMKRLMAECLKKKRDERPLFPQILASIELLARSLPKIHR
;
_entity_poly.pdbx_strand_id   A,B
#
loop_
_chem_comp.id
_chem_comp.type
_chem_comp.name
_chem_comp.formula
RSW non-polymer [(1,2,3,4,5,6-eta)-(1S,2R,3R,4R,5S,6S)-1-carboxycyclohexane-1,2,3,4,5,6-hexayl](chloro)(3-methyl-5,7-dioxo-6,7-dihydro-5H-pyrido[2,3-a]pyrrolo[3,4-c]carbazol-12-ide-kappa~2~N~1~,N~12~)ruthenium(1+) 'C25 H16 Cl N3 O4 Ru 1'
#
# COMPACT_ATOMS: atom_id res chain seq x y z
N ASP A 29 -3.43 -17.63 1.74
CA ASP A 29 -4.05 -18.18 2.99
C ASP A 29 -3.12 -18.13 4.20
N ASP A 30 -3.72 -17.95 5.38
CA ASP A 30 -2.97 -17.88 6.63
C ASP A 30 -2.02 -16.69 6.62
N TRP A 31 -2.33 -15.69 7.45
CA TRP A 31 -1.48 -14.53 7.56
C TRP A 31 -0.84 -14.60 8.93
N GLU A 32 -0.67 -15.83 9.42
CA GLU A 32 -0.05 -16.08 10.72
C GLU A 32 1.46 -16.10 10.52
N ILE A 33 2.08 -14.95 10.83
CA ILE A 33 3.52 -14.78 10.70
C ILE A 33 4.23 -15.90 11.42
N PRO A 34 5.12 -16.64 10.72
CA PRO A 34 5.83 -17.73 11.39
C PRO A 34 6.38 -17.18 12.70
N ASP A 35 6.39 -18.02 13.73
CA ASP A 35 6.82 -17.61 15.06
C ASP A 35 8.27 -17.13 15.24
N GLY A 36 8.43 -16.10 16.06
CA GLY A 36 9.76 -15.57 16.33
C GLY A 36 10.41 -14.81 15.20
N GLN A 37 9.61 -14.26 14.30
CA GLN A 37 10.17 -13.50 13.19
C GLN A 37 10.02 -12.01 13.43
N ILE A 38 9.04 -11.63 14.23
CA ILE A 38 8.81 -10.22 14.53
C ILE A 38 9.71 -9.74 15.67
N THR A 39 10.12 -8.47 15.63
CA THR A 39 10.96 -7.88 16.68
C THR A 39 10.55 -6.45 16.93
N VAL A 40 9.92 -6.22 18.08
CA VAL A 40 9.48 -4.88 18.44
C VAL A 40 10.61 -3.99 18.98
N GLY A 41 10.47 -2.69 18.79
CA GLY A 41 11.48 -1.77 19.26
C GLY A 41 10.85 -0.66 20.10
N GLN A 42 10.99 0.57 19.64
CA GLN A 42 10.44 1.74 20.31
C GLN A 42 8.97 1.53 20.70
N ARG A 43 8.46 2.37 21.60
CA ARG A 43 7.06 2.28 22.01
C ARG A 43 6.39 3.53 21.45
N ILE A 44 5.42 3.34 20.57
CA ILE A 44 4.73 4.47 19.97
C ILE A 44 3.61 5.00 20.87
N GLY A 45 2.53 4.23 20.99
CA GLY A 45 1.42 4.67 21.82
C GLY A 45 0.84 3.53 22.65
N SER A 46 -0.45 3.62 22.93
CA SER A 46 -1.13 2.60 23.72
C SER A 46 -2.63 2.86 23.81
N GLY A 47 -3.19 2.62 24.99
CA GLY A 47 -4.62 2.82 25.22
C GLY A 47 -5.18 1.82 26.22
N SER A 48 -6.18 1.06 25.79
CA SER A 48 -6.82 0.03 26.62
C SER A 48 -6.92 -1.28 25.83
N PHE A 49 -6.72 -1.18 24.51
CA PHE A 49 -6.76 -2.32 23.59
C PHE A 49 -5.36 -2.71 23.12
N GLY A 50 -4.36 -2.53 23.98
CA GLY A 50 -3.00 -2.89 23.62
C GLY A 50 -2.11 -1.69 23.39
N THR A 51 -0.80 -1.94 23.35
CA THR A 51 0.20 -0.90 23.13
C THR A 51 0.91 -1.11 21.78
N VAL A 52 1.10 -0.01 21.06
CA VAL A 52 1.74 -0.06 19.74
C VAL A 52 3.25 0.16 19.81
N TYR A 53 3.98 -0.65 19.07
CA TYR A 53 5.44 -0.58 19.00
C TYR A 53 5.87 -0.42 17.55
N LYS A 54 7.11 -0.01 17.33
CA LYS A 54 7.62 0.09 15.97
C LYS A 54 8.60 -1.05 15.79
N GLY A 55 8.12 -2.14 15.20
CA GLY A 55 8.97 -3.30 14.99
C GLY A 55 9.62 -3.42 13.64
N LYS A 56 10.01 -4.65 13.32
CA LYS A 56 10.68 -4.93 12.06
C LYS A 56 10.35 -6.36 11.63
N TRP A 57 9.70 -6.49 10.47
CA TRP A 57 9.37 -7.78 9.88
C TRP A 57 9.37 -7.53 8.39
N HIS A 58 10.51 -7.79 7.75
CA HIS A 58 10.68 -7.56 6.32
C HIS A 58 10.56 -6.05 6.09
N GLY A 59 11.22 -5.28 6.95
CA GLY A 59 11.18 -3.83 6.86
C GLY A 59 10.48 -3.24 8.08
N ASP A 60 10.30 -1.92 8.09
CA ASP A 60 9.61 -1.29 9.22
C ASP A 60 8.13 -1.57 9.23
N VAL A 61 7.61 -1.92 10.39
CA VAL A 61 6.19 -2.21 10.55
C VAL A 61 5.74 -1.70 11.92
N ALA A 62 4.44 -1.47 12.06
CA ALA A 62 3.90 -1.03 13.34
C ALA A 62 3.25 -2.28 13.92
N VAL A 63 3.73 -2.75 15.08
CA VAL A 63 3.20 -3.95 15.72
C VAL A 63 2.31 -3.63 16.91
N LYS A 64 1.06 -4.08 16.89
CA LYS A 64 0.18 -3.82 18.03
C LYS A 64 0.11 -5.08 18.85
N MET A 65 0.51 -4.99 20.12
CA MET A 65 0.50 -6.14 21.01
C MET A 65 -0.39 -6.06 22.23
N LEU A 66 -0.39 -7.17 22.95
CA LEU A 66 -1.13 -7.36 24.20
C LEU A 66 -0.13 -8.06 25.12
N ASN A 67 0.56 -7.27 25.93
CA ASN A 67 1.60 -7.74 26.84
C ASN A 67 1.17 -8.57 28.05
N VAL A 68 -0.05 -8.35 28.54
CA VAL A 68 -0.54 -9.11 29.68
C VAL A 68 -0.28 -10.61 29.45
N THR A 69 0.72 -11.14 30.15
CA THR A 69 1.15 -12.54 30.04
C THR A 69 0.12 -13.56 29.53
N ALA A 70 -1.06 -13.58 30.15
CA ALA A 70 -2.11 -14.51 29.76
C ALA A 70 -3.33 -13.79 29.18
N PRO A 71 -3.63 -14.03 27.89
CA PRO A 71 -4.76 -13.42 27.19
C PRO A 71 -6.10 -13.87 27.78
N THR A 72 -6.85 -12.92 28.34
CA THR A 72 -8.13 -13.24 28.94
C THR A 72 -9.14 -13.64 27.86
N PRO A 73 -10.26 -14.28 28.24
CA PRO A 73 -11.26 -14.68 27.26
C PRO A 73 -11.80 -13.55 26.39
N GLN A 74 -12.33 -12.50 27.02
CA GLN A 74 -12.89 -11.39 26.27
C GLN A 74 -11.88 -10.69 25.34
N GLN A 75 -10.63 -10.56 25.79
CA GLN A 75 -9.57 -9.92 25.00
C GLN A 75 -9.26 -10.71 23.74
N LEU A 76 -9.16 -12.03 23.87
CA LEU A 76 -8.87 -12.88 22.73
C LEU A 76 -9.88 -12.62 21.63
N GLN A 77 -10.99 -11.99 22.00
CA GLN A 77 -12.05 -11.63 21.06
C GLN A 77 -11.74 -10.30 20.39
N ALA A 78 -11.28 -9.33 21.16
CA ALA A 78 -10.92 -8.03 20.58
C ALA A 78 -9.96 -8.35 19.45
N PHE A 79 -9.11 -9.34 19.69
CA PHE A 79 -8.12 -9.80 18.73
C PHE A 79 -8.78 -10.45 17.51
N LYS A 80 -9.17 -11.71 17.66
CA LYS A 80 -9.81 -12.46 16.57
C LYS A 80 -10.70 -11.59 15.67
N ASN A 81 -11.45 -10.67 16.28
CA ASN A 81 -12.35 -9.77 15.56
C ASN A 81 -11.62 -8.81 14.62
N GLU A 82 -10.76 -7.99 15.20
CA GLU A 82 -9.98 -7.01 14.46
C GLU A 82 -9.30 -7.70 13.30
N VAL A 83 -8.47 -8.67 13.64
CA VAL A 83 -7.75 -9.44 12.65
C VAL A 83 -8.72 -9.91 11.59
N GLY A 84 -9.90 -10.34 12.02
CA GLY A 84 -10.90 -10.83 11.09
C GLY A 84 -11.43 -9.78 10.13
N VAL A 85 -11.44 -8.54 10.60
CA VAL A 85 -11.92 -7.44 9.80
C VAL A 85 -10.82 -6.92 8.88
N LEU A 86 -9.61 -6.79 9.44
CA LEU A 86 -8.45 -6.30 8.69
C LEU A 86 -8.15 -7.11 7.46
N ARG A 87 -8.19 -8.42 7.58
CA ARG A 87 -7.91 -9.30 6.46
C ARG A 87 -8.90 -9.23 5.33
N LYS A 88 -9.95 -8.43 5.47
CA LYS A 88 -10.93 -8.30 4.41
C LYS A 88 -10.64 -7.04 3.62
N THR A 89 -9.64 -6.29 4.07
CA THR A 89 -9.29 -5.04 3.44
C THR A 89 -7.99 -5.08 2.64
N ARG A 90 -8.08 -4.60 1.40
CA ARG A 90 -6.95 -4.53 0.49
C ARG A 90 -7.22 -3.33 -0.39
N HIS A 91 -7.05 -2.14 0.18
CA HIS A 91 -7.29 -0.90 -0.55
C HIS A 91 -6.24 0.16 -0.20
N VAL A 92 -5.79 0.87 -1.23
CA VAL A 92 -4.75 1.88 -1.08
C VAL A 92 -4.95 2.93 0.02
N ASN A 93 -6.19 3.17 0.43
CA ASN A 93 -6.43 4.16 1.47
C ASN A 93 -6.74 3.60 2.84
N ILE A 94 -6.46 2.32 3.03
CA ILE A 94 -6.66 1.67 4.30
C ILE A 94 -5.27 1.22 4.72
N LEU A 95 -4.94 1.34 6.01
CA LEU A 95 -3.63 0.94 6.47
C LEU A 95 -3.47 -0.53 6.17
N LEU A 96 -2.50 -0.86 5.34
CA LEU A 96 -2.25 -2.23 4.93
C LEU A 96 -1.97 -3.18 6.10
N PHE A 97 -2.75 -4.26 6.17
CA PHE A 97 -2.57 -5.28 7.22
C PHE A 97 -1.63 -6.31 6.62
N MET A 98 -0.59 -6.69 7.37
CA MET A 98 0.41 -7.62 6.86
C MET A 98 0.40 -9.00 7.45
N GLY A 99 -0.04 -9.13 8.69
CA GLY A 99 -0.06 -10.44 9.34
C GLY A 99 -0.28 -10.32 10.82
N TYR A 100 -0.64 -11.41 11.47
CA TYR A 100 -0.86 -11.42 12.90
C TYR A 100 -0.02 -12.53 13.53
N SER A 101 0.23 -12.44 14.82
CA SER A 101 1.03 -13.45 15.50
C SER A 101 0.39 -13.79 16.83
N THR A 102 0.58 -15.04 17.27
CA THR A 102 0.01 -15.48 18.54
C THR A 102 1.03 -16.02 19.52
N LYS A 103 1.83 -16.98 19.07
CA LYS A 103 2.82 -17.64 19.93
C LYS A 103 3.57 -16.74 20.91
N PRO A 104 4.46 -15.87 20.44
CA PRO A 104 5.10 -15.09 21.49
C PRO A 104 4.02 -14.42 22.36
N GLN A 105 3.16 -13.63 21.71
CA GLN A 105 2.07 -12.91 22.35
C GLN A 105 1.15 -12.40 21.24
N LEU A 106 -0.13 -12.15 21.55
CA LEU A 106 -1.07 -11.62 20.55
C LEU A 106 -0.49 -10.36 19.91
N ALA A 107 -0.42 -10.33 18.59
CA ALA A 107 0.15 -9.18 17.89
C ALA A 107 -0.46 -8.95 16.50
N ILE A 108 -0.56 -7.70 16.07
CA ILE A 108 -1.10 -7.40 14.75
C ILE A 108 -0.13 -6.50 13.99
N VAL A 109 0.54 -7.07 12.99
CA VAL A 109 1.52 -6.30 12.21
C VAL A 109 0.96 -5.59 10.99
N THR A 110 1.11 -4.27 10.96
CA THR A 110 0.63 -3.44 9.86
C THR A 110 1.80 -2.61 9.31
N GLN A 111 1.72 -2.15 8.07
CA GLN A 111 2.80 -1.35 7.50
C GLN A 111 3.09 -0.16 8.40
N TRP A 112 4.28 0.42 8.28
CA TRP A 112 4.64 1.57 9.09
C TRP A 112 4.36 2.87 8.37
N CYS A 113 3.44 3.67 8.93
CA CYS A 113 3.11 4.94 8.31
C CYS A 113 4.30 5.86 8.42
N GLU A 114 4.75 6.37 7.28
CA GLU A 114 5.88 7.28 7.22
C GLU A 114 5.38 8.72 7.10
N GLY A 115 4.80 9.21 8.19
CA GLY A 115 4.26 10.56 8.22
C GLY A 115 3.64 10.87 9.56
N SER A 116 2.48 11.52 9.55
CA SER A 116 1.79 11.88 10.78
C SER A 116 0.28 11.94 10.62
N SER A 117 -0.42 11.84 11.74
CA SER A 117 -1.87 11.89 11.75
C SER A 117 -2.42 13.23 11.28
N LEU A 118 -3.53 13.20 10.57
CA LEU A 118 -4.15 14.42 10.07
C LEU A 118 -4.34 15.30 11.29
N TYR A 119 -4.49 14.67 12.44
CA TYR A 119 -4.67 15.38 13.70
C TYR A 119 -3.41 16.19 13.95
N HIS A 120 -2.32 15.47 14.14
CA HIS A 120 -1.02 16.08 14.41
C HIS A 120 -0.70 17.22 13.47
N HIS A 121 -1.02 17.08 12.18
CA HIS A 121 -0.74 18.16 11.23
C HIS A 121 -1.58 19.38 11.51
N LEU A 122 -2.88 19.16 11.68
CA LEU A 122 -3.84 20.23 11.91
C LEU A 122 -3.82 20.92 13.28
N HIS A 123 -3.74 20.13 14.34
CA HIS A 123 -3.81 20.66 15.70
C HIS A 123 -2.57 20.73 16.57
N ILE A 124 -1.48 20.06 16.21
CA ILE A 124 -0.28 20.10 17.03
C ILE A 124 0.87 20.91 16.44
N ILE A 125 1.11 20.76 15.14
CA ILE A 125 2.19 21.48 14.47
C ILE A 125 1.59 22.49 13.48
N GLU A 126 0.26 22.55 13.47
CA GLU A 126 -0.52 23.45 12.63
C GLU A 126 -0.05 23.63 11.20
N THR A 127 0.12 22.52 10.48
CA THR A 127 0.54 22.57 9.09
C THR A 127 -0.51 23.31 8.28
N LYS A 128 -0.07 24.04 7.27
CA LYS A 128 -1.01 24.79 6.44
C LYS A 128 -1.04 24.30 5.01
N PHE A 129 -1.97 23.41 4.72
CA PHE A 129 -2.09 22.87 3.37
C PHE A 129 -2.92 23.84 2.53
N GLU A 130 -2.75 23.78 1.22
CA GLU A 130 -3.53 24.63 0.34
C GLU A 130 -4.92 24.06 0.38
N MET A 131 -5.88 24.77 -0.19
CA MET A 131 -7.25 24.31 -0.20
C MET A 131 -7.41 23.17 -1.19
N ILE A 132 -6.31 22.75 -1.79
CA ILE A 132 -6.37 21.66 -2.76
C ILE A 132 -5.91 20.41 -2.02
N LYS A 133 -4.87 20.55 -1.22
CA LYS A 133 -4.35 19.44 -0.46
C LYS A 133 -5.40 19.02 0.58
N LEU A 134 -6.32 19.94 0.90
CA LEU A 134 -7.36 19.64 1.86
C LEU A 134 -8.52 18.93 1.18
N ILE A 135 -9.05 19.53 0.13
CA ILE A 135 -10.14 18.93 -0.60
C ILE A 135 -9.71 17.54 -1.08
N ASP A 136 -8.41 17.30 -1.07
CA ASP A 136 -7.89 16.01 -1.50
C ASP A 136 -7.93 15.02 -0.36
N ILE A 137 -7.39 15.42 0.78
CA ILE A 137 -7.38 14.58 1.98
C ILE A 137 -8.81 14.15 2.26
N ALA A 138 -9.76 15.02 1.92
CA ALA A 138 -11.16 14.73 2.12
C ALA A 138 -11.53 13.65 1.11
N ARG A 139 -11.19 13.88 -0.16
CA ARG A 139 -11.50 12.93 -1.23
C ARG A 139 -10.98 11.53 -0.91
N GLN A 140 -9.71 11.45 -0.56
CA GLN A 140 -9.07 10.18 -0.23
C GLN A 140 -9.74 9.48 0.94
N THR A 141 -9.94 10.19 2.05
CA THR A 141 -10.58 9.59 3.23
C THR A 141 -11.93 8.99 2.84
N ALA A 142 -12.74 9.77 2.13
CA ALA A 142 -14.06 9.31 1.71
C ALA A 142 -13.91 8.14 0.73
N GLN A 143 -12.81 8.10 0.00
CA GLN A 143 -12.56 7.02 -0.95
C GLN A 143 -12.42 5.70 -0.21
N GLY A 144 -11.62 5.72 0.86
CA GLY A 144 -11.40 4.51 1.65
C GLY A 144 -12.64 4.10 2.43
N MET A 145 -13.31 5.08 3.04
CA MET A 145 -14.52 4.84 3.81
C MET A 145 -15.60 4.24 2.91
N ASP A 146 -15.63 4.67 1.65
CA ASP A 146 -16.59 4.13 0.69
C ASP A 146 -16.25 2.66 0.51
N TYR A 147 -14.95 2.37 0.46
CA TYR A 147 -14.47 1.01 0.28
C TYR A 147 -14.89 0.11 1.43
N LEU A 148 -14.55 0.51 2.65
CA LEU A 148 -14.90 -0.27 3.83
C LEU A 148 -16.41 -0.55 3.86
N HIS A 149 -17.23 0.43 3.50
CA HIS A 149 -18.67 0.22 3.53
C HIS A 149 -19.17 -0.77 2.50
N ALA A 150 -18.54 -0.80 1.34
CA ALA A 150 -18.95 -1.75 0.30
C ALA A 150 -18.72 -3.14 0.86
N LYS A 151 -17.53 -3.35 1.42
CA LYS A 151 -17.15 -4.63 2.01
C LYS A 151 -18.00 -4.83 3.27
N SER A 152 -18.94 -3.91 3.48
CA SER A 152 -19.87 -3.96 4.61
C SER A 152 -19.25 -3.86 6.01
N ILE A 153 -18.28 -2.97 6.17
CA ILE A 153 -17.60 -2.76 7.45
C ILE A 153 -17.98 -1.39 8.00
N ILE A 154 -18.06 -1.27 9.32
CA ILE A 154 -18.38 0.00 9.94
C ILE A 154 -17.20 0.29 10.81
N HIS A 155 -16.59 1.46 10.66
CA HIS A 155 -15.40 1.75 11.44
C HIS A 155 -15.68 1.94 12.92
N ARG A 156 -16.54 2.89 13.25
CA ARG A 156 -16.92 3.18 14.63
C ARG A 156 -15.91 4.01 15.42
N ASP A 157 -14.85 4.44 14.76
CA ASP A 157 -13.86 5.28 15.44
C ASP A 157 -13.00 6.10 14.48
N LEU A 158 -13.66 6.78 13.54
CA LEU A 158 -12.95 7.61 12.58
C LEU A 158 -12.68 8.93 13.28
N LYS A 159 -11.42 9.33 13.33
CA LYS A 159 -11.01 10.59 13.93
C LYS A 159 -9.84 11.09 13.13
N SER A 160 -9.50 12.36 13.33
CA SER A 160 -8.36 12.90 12.61
C SER A 160 -7.09 12.28 13.17
N ASN A 161 -7.24 11.36 14.12
CA ASN A 161 -6.12 10.67 14.76
C ASN A 161 -5.86 9.32 14.11
N ASN A 162 -6.87 8.77 13.45
CA ASN A 162 -6.73 7.48 12.81
C ASN A 162 -6.56 7.61 11.31
N ILE A 163 -6.33 8.83 10.88
CA ILE A 163 -6.11 9.12 9.48
C ILE A 163 -4.66 9.62 9.43
N PHE A 164 -3.77 8.82 8.85
CA PHE A 164 -2.38 9.22 8.79
C PHE A 164 -2.07 9.71 7.39
N LEU A 165 -1.25 10.75 7.29
CA LEU A 165 -0.85 11.27 6.00
C LEU A 165 0.50 10.64 5.65
N HIS A 166 0.43 9.50 4.98
CA HIS A 166 1.59 8.72 4.59
C HIS A 166 2.39 9.41 3.50
N GLU A 167 3.68 9.57 3.78
CA GLU A 167 4.59 10.21 2.84
C GLU A 167 4.06 11.60 2.51
N ASP A 168 3.26 12.15 3.41
CA ASP A 168 2.69 13.48 3.27
C ASP A 168 1.87 13.66 1.99
N LEU A 169 1.38 12.55 1.45
CA LEU A 169 0.57 12.61 0.23
C LEU A 169 -0.18 11.30 -0.04
N THR A 170 -0.73 10.71 1.01
CA THR A 170 -1.49 9.46 0.92
C THR A 170 -2.29 9.23 2.21
N VAL A 171 -3.62 9.20 2.10
CA VAL A 171 -4.47 8.99 3.26
C VAL A 171 -4.63 7.53 3.63
N LYS A 172 -4.24 7.19 4.86
CA LYS A 172 -4.36 5.83 5.35
C LYS A 172 -5.28 5.81 6.58
N ILE A 173 -6.44 5.17 6.46
CA ILE A 173 -7.38 5.07 7.58
C ILE A 173 -6.85 3.94 8.44
N GLY A 174 -6.94 4.09 9.76
CA GLY A 174 -6.45 3.03 10.62
C GLY A 174 -7.22 2.88 11.91
N ASP A 175 -6.68 2.06 12.81
CA ASP A 175 -7.29 1.81 14.09
C ASP A 175 -8.65 1.13 13.93
N PHE A 176 -8.61 -0.17 13.63
CA PHE A 176 -9.81 -0.96 13.46
C PHE A 176 -10.12 -1.76 14.71
N GLY A 177 -9.83 -1.21 15.87
CA GLY A 177 -10.10 -1.93 17.10
C GLY A 177 -11.58 -2.16 17.32
N LEU A 178 -12.37 -1.14 17.02
CA LEU A 178 -13.81 -1.18 17.20
C LEU A 178 -14.59 -1.50 15.92
N ALA A 179 -13.89 -1.76 14.82
CA ALA A 179 -14.55 -2.06 13.56
C ALA A 179 -15.37 -3.36 13.63
N THR A 180 -16.53 -3.35 12.98
CA THR A 180 -17.43 -4.51 12.94
C THR A 180 -17.84 -4.83 11.49
N VAL A 181 -18.67 -5.85 11.28
CA VAL A 181 -19.07 -6.20 9.91
C VAL A 181 -20.58 -6.39 9.72
N LYS A 182 -21.36 -6.03 10.74
CA LYS A 182 -22.82 -6.15 10.71
C LYS A 182 -23.34 -7.24 9.77
N SER A 195 -12.47 4.82 25.51
CA SER A 195 -12.37 5.68 24.32
C SER A 195 -13.03 7.05 24.54
N GLY A 196 -12.29 7.96 25.15
CA GLY A 196 -12.79 9.30 25.41
C GLY A 196 -12.59 10.24 24.22
N SER A 197 -13.02 9.79 23.05
CA SER A 197 -12.91 10.59 21.83
C SER A 197 -14.32 10.90 21.32
N ILE A 198 -15.07 11.66 22.13
CA ILE A 198 -16.46 12.02 21.84
C ILE A 198 -16.69 13.13 20.83
N LEU A 199 -15.63 13.79 20.37
CA LEU A 199 -15.79 14.86 19.40
C LEU A 199 -16.26 14.36 18.04
N TRP A 200 -16.12 13.07 17.78
CA TRP A 200 -16.55 12.50 16.50
C TRP A 200 -17.79 11.60 16.58
N MET A 201 -18.38 11.45 17.76
CA MET A 201 -19.55 10.58 17.92
C MET A 201 -20.84 11.21 17.47
N ALA A 202 -21.52 10.57 16.53
CA ALA A 202 -22.79 11.11 16.07
C ALA A 202 -23.64 11.25 17.32
N PRO A 203 -24.63 12.14 17.30
CA PRO A 203 -25.44 12.28 18.50
C PRO A 203 -26.15 10.98 18.89
N GLU A 204 -26.74 10.30 17.91
CA GLU A 204 -27.46 9.06 18.20
C GLU A 204 -26.58 8.03 18.94
N VAL A 205 -25.27 8.15 18.81
CA VAL A 205 -24.35 7.24 19.47
C VAL A 205 -24.07 7.68 20.91
N ILE A 206 -23.82 8.97 21.11
CA ILE A 206 -23.55 9.50 22.44
C ILE A 206 -24.75 9.22 23.36
N ARG A 207 -25.93 9.47 22.82
CA ARG A 207 -27.20 9.29 23.50
C ARG A 207 -27.47 7.79 23.71
N MET A 208 -26.54 6.96 23.26
CA MET A 208 -26.64 5.50 23.36
C MET A 208 -28.11 5.09 23.36
N GLN A 209 -28.85 5.63 22.39
CA GLN A 209 -30.28 5.37 22.21
C GLN A 209 -30.65 3.97 22.69
N ASP A 210 -30.68 3.02 21.77
CA ASP A 210 -31.00 1.64 22.12
C ASP A 210 -29.74 0.82 22.35
N LYS A 211 -29.37 -0.04 21.39
CA LYS A 211 -28.17 -0.86 21.54
C LYS A 211 -27.43 -1.15 20.23
N ASN A 212 -27.79 -0.42 19.17
CA ASN A 212 -27.15 -0.56 17.86
C ASN A 212 -27.18 0.81 17.17
N PRO A 213 -26.72 1.86 17.88
CA PRO A 213 -26.69 3.24 17.39
C PRO A 213 -25.78 3.37 16.16
N TYR A 214 -24.64 2.69 16.22
CA TYR A 214 -23.67 2.70 15.16
C TYR A 214 -24.25 2.29 13.81
N SER A 215 -23.74 2.89 12.75
CA SER A 215 -24.23 2.61 11.41
C SER A 215 -23.44 3.44 10.43
N PHE A 216 -23.53 3.11 9.14
CA PHE A 216 -22.81 3.87 8.12
C PHE A 216 -23.02 5.35 8.38
N GLN A 217 -24.25 5.71 8.75
CA GLN A 217 -24.58 7.09 9.02
C GLN A 217 -23.79 7.67 10.20
N SER A 218 -23.46 6.85 11.18
CA SER A 218 -22.70 7.34 12.32
C SER A 218 -21.28 7.67 11.84
N ASP A 219 -20.78 6.87 10.89
CA ASP A 219 -19.46 7.05 10.33
C ASP A 219 -19.45 8.29 9.45
N VAL A 220 -20.57 8.53 8.76
CA VAL A 220 -20.72 9.71 7.90
C VAL A 220 -20.70 10.96 8.79
N TYR A 221 -21.13 10.82 10.03
CA TYR A 221 -21.12 11.95 10.95
C TYR A 221 -19.70 12.24 11.38
N ALA A 222 -18.93 11.19 11.68
CA ALA A 222 -17.57 11.39 12.11
C ALA A 222 -16.76 11.93 10.93
N PHE A 223 -17.13 11.54 9.71
CA PHE A 223 -16.44 12.04 8.52
C PHE A 223 -16.75 13.53 8.50
N GLY A 224 -17.95 13.86 8.97
CA GLY A 224 -18.39 15.24 9.05
C GLY A 224 -17.51 16.06 9.98
N ILE A 225 -17.23 15.56 11.17
CA ILE A 225 -16.39 16.31 12.09
C ILE A 225 -14.98 16.50 11.54
N VAL A 226 -14.56 15.62 10.64
CA VAL A 226 -13.21 15.75 10.06
C VAL A 226 -13.20 16.79 8.94
N LEU A 227 -14.21 16.79 8.07
CA LEU A 227 -14.24 17.81 7.04
C LEU A 227 -14.19 19.14 7.78
N TYR A 228 -14.86 19.15 8.93
CA TYR A 228 -14.91 20.33 9.76
C TYR A 228 -13.52 20.79 10.09
N GLU A 229 -12.75 19.96 10.78
CA GLU A 229 -11.40 20.35 11.14
C GLU A 229 -10.47 20.55 9.95
N LEU A 230 -10.84 20.01 8.79
CA LEU A 230 -10.02 20.21 7.59
C LEU A 230 -10.26 21.63 7.11
N MET A 231 -11.52 22.05 7.14
CA MET A 231 -11.91 23.37 6.67
C MET A 231 -11.72 24.50 7.69
N THR A 232 -11.86 24.21 8.98
CA THR A 232 -11.70 25.24 10.00
C THR A 232 -10.31 25.22 10.64
N GLY A 233 -9.65 24.07 10.56
CA GLY A 233 -8.33 23.94 11.12
C GLY A 233 -8.35 23.75 12.63
N GLN A 234 -9.56 23.74 13.20
CA GLN A 234 -9.72 23.59 14.64
C GLN A 234 -10.64 22.43 14.99
N LEU A 235 -10.62 22.03 16.27
CA LEU A 235 -11.50 20.96 16.74
C LEU A 235 -12.80 21.62 17.15
N PRO A 236 -13.88 20.85 17.25
CA PRO A 236 -15.15 21.46 17.64
C PRO A 236 -15.22 21.78 19.14
N TYR A 237 -16.18 22.65 19.49
CA TYR A 237 -16.42 23.04 20.88
C TYR A 237 -15.18 23.43 21.64
N SER A 238 -14.20 23.97 20.92
CA SER A 238 -12.94 24.39 21.54
C SER A 238 -13.15 25.40 22.67
N ASN A 239 -14.31 26.06 22.68
CA ASN A 239 -14.57 27.05 23.70
C ASN A 239 -15.24 26.52 24.98
N ILE A 240 -15.53 25.22 25.01
CA ILE A 240 -16.12 24.58 26.19
C ILE A 240 -15.10 23.61 26.78
N ASN A 241 -14.89 23.67 28.09
CA ASN A 241 -13.90 22.80 28.71
C ASN A 241 -14.45 21.73 29.65
N ASN A 242 -15.67 21.27 29.39
CA ASN A 242 -16.28 20.24 30.24
C ASN A 242 -16.80 19.11 29.36
N ARG A 243 -16.25 17.91 29.55
CA ARG A 243 -16.66 16.76 28.76
C ARG A 243 -18.12 16.40 28.96
N ASP A 244 -18.51 16.20 30.21
CA ASP A 244 -19.88 15.80 30.55
C ASP A 244 -20.87 16.71 29.90
N GLN A 245 -20.59 18.00 29.93
CA GLN A 245 -21.47 18.97 29.32
C GLN A 245 -21.48 18.85 27.80
N ILE A 246 -20.32 18.72 27.17
CA ILE A 246 -20.29 18.58 25.71
C ILE A 246 -21.00 17.30 25.32
N ILE A 247 -20.65 16.20 25.99
CA ILE A 247 -21.27 14.92 25.70
C ILE A 247 -22.79 15.06 25.77
N PHE A 248 -23.27 15.56 26.90
CA PHE A 248 -24.71 15.75 27.14
C PHE A 248 -25.43 16.58 26.09
N MET A 249 -25.01 17.84 25.96
CA MET A 249 -25.61 18.77 25.03
C MET A 249 -25.60 18.33 23.59
N VAL A 250 -24.53 17.64 23.18
CA VAL A 250 -24.40 17.18 21.80
C VAL A 250 -25.40 16.08 21.49
N GLY A 251 -25.65 15.22 22.47
CA GLY A 251 -26.60 14.14 22.29
C GLY A 251 -27.99 14.68 22.47
N ARG A 252 -28.13 15.64 23.39
CA ARG A 252 -29.43 16.25 23.64
C ARG A 252 -29.84 17.17 22.49
N GLY A 253 -28.87 17.63 21.72
CA GLY A 253 -29.16 18.50 20.59
C GLY A 253 -29.03 19.98 20.87
N TYR A 254 -28.62 20.35 22.07
CA TYR A 254 -28.49 21.76 22.41
C TYR A 254 -27.25 22.35 21.79
N LEU A 255 -26.16 21.58 21.77
CA LEU A 255 -24.89 22.02 21.23
C LEU A 255 -24.65 21.49 19.83
N SER A 256 -23.86 22.20 19.04
CA SER A 256 -23.57 21.81 17.67
C SER A 256 -22.37 22.56 17.12
N PRO A 257 -21.58 21.92 16.23
CA PRO A 257 -20.38 22.50 15.61
C PRO A 257 -20.61 23.81 14.85
N ASP A 258 -19.95 24.86 15.31
CA ASP A 258 -20.06 26.19 14.69
C ASP A 258 -19.65 26.11 13.23
N LEU A 259 -20.60 26.34 12.32
CA LEU A 259 -20.28 26.28 10.90
C LEU A 259 -19.81 27.61 10.33
N SER A 260 -20.14 28.70 11.02
CA SER A 260 -19.77 30.03 10.57
C SER A 260 -18.26 30.33 10.59
N LYS A 261 -17.42 29.30 10.82
CA LYS A 261 -15.98 29.54 10.87
C LYS A 261 -15.11 28.74 9.90
N VAL A 262 -15.68 28.39 8.76
CA VAL A 262 -14.96 27.65 7.72
C VAL A 262 -14.22 28.68 6.85
N ARG A 263 -12.97 28.37 6.46
CA ARG A 263 -12.16 29.28 5.63
C ARG A 263 -12.95 30.03 4.56
N SER A 264 -12.44 31.20 4.17
CA SER A 264 -13.09 32.02 3.15
C SER A 264 -13.03 31.30 1.81
N ASN A 265 -11.87 30.70 1.55
CA ASN A 265 -11.61 29.97 0.31
C ASN A 265 -12.18 28.56 0.25
N CYS A 266 -13.08 28.23 1.16
CA CYS A 266 -13.68 26.91 1.16
C CYS A 266 -14.86 26.93 0.19
N PRO A 267 -14.85 26.05 -0.83
CA PRO A 267 -15.93 25.99 -1.82
C PRO A 267 -17.30 25.91 -1.15
N LYS A 268 -18.28 26.63 -1.68
CA LYS A 268 -19.62 26.59 -1.09
C LYS A 268 -20.18 25.18 -1.17
N ALA A 269 -19.86 24.48 -2.26
CA ALA A 269 -20.33 23.12 -2.44
C ALA A 269 -19.90 22.25 -1.27
N MET A 270 -18.70 22.52 -0.78
CA MET A 270 -18.13 21.78 0.35
C MET A 270 -18.83 22.11 1.66
N LYS A 271 -18.83 23.38 2.05
CA LYS A 271 -19.47 23.78 3.30
C LYS A 271 -20.87 23.19 3.36
N ARG A 272 -21.56 23.20 2.24
CA ARG A 272 -22.91 22.67 2.15
C ARG A 272 -22.92 21.16 2.43
N LEU A 273 -21.91 20.44 1.92
CA LEU A 273 -21.77 18.99 2.11
C LEU A 273 -21.49 18.64 3.56
N MET A 274 -20.61 19.43 4.16
CA MET A 274 -20.21 19.29 5.56
C MET A 274 -21.41 19.30 6.49
N ALA A 275 -22.27 20.27 6.27
CA ALA A 275 -23.47 20.41 7.08
C ALA A 275 -24.39 19.23 6.87
N GLU A 276 -24.40 18.67 5.66
CA GLU A 276 -25.26 17.52 5.36
C GLU A 276 -24.78 16.27 6.10
N CYS A 277 -23.46 16.14 6.25
CA CYS A 277 -22.89 15.00 6.94
C CYS A 277 -23.01 15.14 8.44
N LEU A 278 -23.35 16.33 8.90
CA LEU A 278 -23.48 16.58 10.32
C LEU A 278 -24.93 16.59 10.80
N LYS A 279 -25.88 16.52 9.85
CA LYS A 279 -27.30 16.53 10.20
C LYS A 279 -27.61 15.78 11.50
N LYS A 280 -28.27 16.47 12.43
CA LYS A 280 -28.62 15.91 13.73
C LYS A 280 -29.48 14.66 13.60
N LYS A 281 -30.16 14.52 12.47
CA LYS A 281 -31.05 13.38 12.22
C LYS A 281 -30.45 12.29 11.34
N ARG A 282 -29.88 11.28 11.98
CA ARG A 282 -29.27 10.14 11.30
C ARG A 282 -29.66 9.88 9.84
N ASP A 283 -30.94 9.56 9.59
CA ASP A 283 -31.37 9.22 8.24
C ASP A 283 -31.41 10.26 7.14
N GLU A 284 -30.64 11.32 7.27
CA GLU A 284 -30.63 12.36 6.25
C GLU A 284 -29.22 12.69 5.81
N ARG A 285 -28.26 12.02 6.41
CA ARG A 285 -26.84 12.22 6.08
C ARG A 285 -26.64 11.40 4.82
N PRO A 286 -25.82 11.89 3.89
CA PRO A 286 -25.66 11.06 2.70
C PRO A 286 -24.75 9.88 3.02
N LEU A 287 -24.81 8.83 2.20
CA LEU A 287 -23.90 7.72 2.42
C LEU A 287 -22.63 8.11 1.68
N PHE A 288 -21.57 7.34 1.84
CA PHE A 288 -20.34 7.72 1.19
C PHE A 288 -20.36 7.82 -0.34
N PRO A 289 -20.91 6.82 -1.03
CA PRO A 289 -20.94 6.90 -2.49
C PRO A 289 -21.32 8.29 -2.99
N GLN A 290 -22.35 8.85 -2.37
CA GLN A 290 -22.84 10.17 -2.72
C GLN A 290 -21.77 11.18 -2.35
N ILE A 291 -21.31 11.11 -1.10
CA ILE A 291 -20.27 12.01 -0.60
C ILE A 291 -19.09 12.00 -1.54
N LEU A 292 -18.70 10.81 -1.97
CA LEU A 292 -17.56 10.67 -2.85
C LEU A 292 -17.80 11.42 -4.14
N ALA A 293 -18.95 11.20 -4.76
CA ALA A 293 -19.30 11.87 -6.02
C ALA A 293 -19.27 13.39 -5.88
N SER A 294 -19.79 13.90 -4.77
CA SER A 294 -19.83 15.34 -4.54
C SER A 294 -18.42 15.89 -4.46
N ILE A 295 -17.66 15.41 -3.48
CA ILE A 295 -16.30 15.87 -3.30
C ILE A 295 -15.55 15.84 -4.64
N GLU A 296 -16.03 15.03 -5.57
CA GLU A 296 -15.38 14.93 -6.88
C GLU A 296 -15.89 15.94 -7.91
N LEU A 297 -17.19 16.14 -7.98
CA LEU A 297 -17.73 17.10 -8.94
C LEU A 297 -17.37 18.52 -8.50
N LEU A 298 -17.22 18.71 -7.19
CA LEU A 298 -16.86 20.02 -6.65
C LEU A 298 -15.36 20.18 -6.72
N ALA A 299 -14.68 19.12 -7.15
CA ALA A 299 -13.22 19.12 -7.25
C ALA A 299 -12.71 19.64 -8.59
N ARG A 300 -13.47 19.38 -9.66
CA ARG A 300 -13.07 19.81 -10.98
C ARG A 300 -13.17 21.34 -11.11
N SER A 301 -14.39 21.85 -11.22
CA SER A 301 -14.60 23.29 -11.35
C SER A 301 -14.13 24.03 -10.10
N LEU A 302 -12.83 23.99 -9.83
CA LEU A 302 -12.23 24.62 -8.66
C LEU A 302 -12.29 26.17 -8.65
N PRO A 303 -11.39 26.87 -9.37
CA PRO A 303 -10.26 26.50 -10.24
C PRO A 303 -8.89 26.98 -9.71
N LYS A 304 -8.22 27.81 -10.52
CA LYS A 304 -6.91 28.37 -10.20
C LYS A 304 -6.76 29.75 -10.86
N ASP B 29 -12.20 -13.99 4.27
CA ASP B 29 -12.02 -14.80 3.02
C ASP B 29 -12.28 -13.96 1.73
N ASP B 30 -12.81 -14.64 0.71
CA ASP B 30 -13.13 -14.10 -0.62
C ASP B 30 -12.70 -12.69 -1.07
N TRP B 31 -12.02 -12.71 -2.21
CA TRP B 31 -11.47 -11.53 -2.87
C TRP B 31 -12.08 -11.35 -4.24
N GLU B 32 -13.04 -12.19 -4.61
CA GLU B 32 -13.67 -12.07 -5.90
C GLU B 32 -14.59 -10.86 -5.89
N ILE B 33 -14.31 -9.91 -6.77
CA ILE B 33 -15.07 -8.68 -6.87
C ILE B 33 -16.44 -8.93 -7.49
N PRO B 34 -17.50 -8.42 -6.85
CA PRO B 34 -18.87 -8.59 -7.35
C PRO B 34 -19.00 -8.30 -8.84
N ASP B 35 -19.63 -9.23 -9.56
CA ASP B 35 -19.86 -9.14 -11.00
C ASP B 35 -20.06 -7.72 -11.54
N GLY B 36 -19.21 -7.33 -12.49
CA GLY B 36 -19.31 -6.01 -13.10
C GLY B 36 -19.55 -4.81 -12.18
N GLN B 37 -18.47 -4.32 -11.56
CA GLN B 37 -18.47 -3.14 -10.68
C GLN B 37 -17.28 -2.34 -11.20
N ILE B 38 -16.42 -3.06 -11.91
CA ILE B 38 -15.20 -2.50 -12.50
C ILE B 38 -15.54 -1.81 -13.81
N THR B 39 -14.92 -0.66 -14.05
CA THR B 39 -15.14 0.11 -15.27
C THR B 39 -13.76 0.29 -15.87
N VAL B 40 -13.49 -0.35 -17.00
CA VAL B 40 -12.18 -0.23 -17.64
C VAL B 40 -12.06 0.97 -18.58
N GLY B 41 -10.85 1.48 -18.71
CA GLY B 41 -10.65 2.63 -19.58
C GLY B 41 -9.43 2.54 -20.46
N GLN B 42 -8.65 3.62 -20.45
CA GLN B 42 -7.45 3.71 -21.28
C GLN B 42 -6.52 2.51 -21.24
N ARG B 43 -6.32 1.92 -22.42
CA ARG B 43 -5.42 0.79 -22.57
C ARG B 43 -4.02 1.24 -22.13
N ILE B 44 -3.34 0.41 -21.35
CA ILE B 44 -2.01 0.75 -20.87
C ILE B 44 -0.93 -0.09 -21.55
N GLY B 45 -0.88 -1.36 -21.18
CA GLY B 45 0.11 -2.24 -21.77
C GLY B 45 -0.59 -3.48 -22.25
N SER B 46 0.07 -4.63 -22.15
CA SER B 46 -0.53 -5.87 -22.61
C SER B 46 0.44 -7.03 -22.50
N GLY B 47 0.55 -7.78 -23.60
CA GLY B 47 1.43 -8.94 -23.68
C GLY B 47 0.69 -10.11 -24.32
N SER B 48 0.78 -11.28 -23.68
CA SER B 48 0.10 -12.49 -24.17
C SER B 48 -0.82 -13.07 -23.07
N PHE B 49 -0.63 -12.61 -21.84
CA PHE B 49 -1.41 -13.04 -20.67
C PHE B 49 -2.66 -12.17 -20.41
N GLY B 50 -2.96 -11.26 -21.36
CA GLY B 50 -4.10 -10.36 -21.27
C GLY B 50 -3.63 -8.92 -21.47
N THR B 51 -4.56 -7.97 -21.58
CA THR B 51 -4.15 -6.58 -21.74
C THR B 51 -4.54 -5.74 -20.51
N VAL B 52 -3.74 -4.72 -20.20
CA VAL B 52 -3.96 -3.85 -19.03
C VAL B 52 -4.62 -2.49 -19.31
N TYR B 53 -5.51 -2.06 -18.43
CA TYR B 53 -6.21 -0.77 -18.56
C TYR B 53 -6.17 0.04 -17.26
N LYS B 54 -6.45 1.33 -17.37
CA LYS B 54 -6.52 2.16 -16.17
C LYS B 54 -7.99 2.02 -15.80
N GLY B 55 -8.25 1.32 -14.70
CA GLY B 55 -9.63 1.08 -14.33
C GLY B 55 -10.24 1.99 -13.29
N LYS B 56 -11.46 1.67 -12.92
CA LYS B 56 -12.15 2.46 -11.94
C LYS B 56 -13.02 1.53 -11.11
N TRP B 57 -12.51 1.18 -9.92
CA TRP B 57 -13.22 0.35 -8.96
C TRP B 57 -12.84 0.82 -7.56
N HIS B 58 -13.63 1.74 -7.00
CA HIS B 58 -13.33 2.30 -5.67
C HIS B 58 -12.09 3.17 -5.76
N GLY B 59 -12.01 3.98 -6.81
CA GLY B 59 -10.86 4.85 -7.00
C GLY B 59 -10.05 4.41 -8.21
N ASP B 60 -8.81 4.85 -8.31
CA ASP B 60 -8.01 4.44 -9.45
C ASP B 60 -7.34 3.08 -9.22
N VAL B 61 -7.58 2.15 -10.15
CA VAL B 61 -6.97 0.82 -10.06
C VAL B 61 -6.40 0.44 -11.41
N ALA B 62 -5.65 -0.65 -11.44
CA ALA B 62 -5.06 -1.16 -12.68
C ALA B 62 -5.80 -2.47 -12.98
N VAL B 63 -6.35 -2.59 -14.18
CA VAL B 63 -7.07 -3.80 -14.52
C VAL B 63 -6.43 -4.60 -15.63
N LYS B 64 -6.14 -5.86 -15.36
CA LYS B 64 -5.58 -6.75 -16.38
C LYS B 64 -6.72 -7.68 -16.80
N MET B 65 -7.26 -7.48 -18.00
CA MET B 65 -8.36 -8.29 -18.50
C MET B 65 -8.01 -9.39 -19.47
N LEU B 66 -9.04 -10.09 -19.91
CA LEU B 66 -8.91 -11.16 -20.89
C LEU B 66 -9.94 -10.81 -21.96
N ASN B 67 -9.45 -10.45 -23.15
CA ASN B 67 -10.31 -10.02 -24.26
C ASN B 67 -11.27 -11.07 -24.83
N VAL B 68 -10.89 -12.35 -24.78
CA VAL B 68 -11.73 -13.41 -25.31
C VAL B 68 -12.82 -13.79 -24.31
N THR B 69 -14.02 -14.08 -24.82
CA THR B 69 -15.14 -14.48 -23.97
C THR B 69 -15.17 -16.01 -23.85
N ALA B 70 -14.17 -16.63 -24.47
CA ALA B 70 -14.04 -18.08 -24.44
C ALA B 70 -12.72 -18.44 -23.76
N PRO B 71 -12.66 -18.31 -22.42
CA PRO B 71 -11.43 -18.62 -21.68
C PRO B 71 -10.95 -20.04 -21.96
N THR B 72 -9.91 -20.15 -22.78
CA THR B 72 -9.37 -21.47 -23.13
C THR B 72 -8.77 -22.11 -21.88
N PRO B 73 -8.53 -23.43 -21.93
CA PRO B 73 -7.97 -24.13 -20.77
C PRO B 73 -6.70 -23.48 -20.23
N GLN B 74 -5.68 -23.32 -21.09
CA GLN B 74 -4.41 -22.72 -20.69
C GLN B 74 -4.56 -21.33 -20.05
N GLN B 75 -5.47 -20.52 -20.60
CA GLN B 75 -5.72 -19.18 -20.09
C GLN B 75 -6.33 -19.29 -18.70
N LEU B 76 -7.47 -19.96 -18.60
CA LEU B 76 -8.14 -20.14 -17.33
C LEU B 76 -7.16 -20.72 -16.30
N GLN B 77 -6.05 -21.24 -16.80
CA GLN B 77 -5.03 -21.80 -15.93
C GLN B 77 -4.05 -20.72 -15.49
N ALA B 78 -3.48 -20.00 -16.46
CA ALA B 78 -2.53 -18.94 -16.15
C ALA B 78 -3.22 -17.95 -15.22
N PHE B 79 -4.53 -17.78 -15.43
CA PHE B 79 -5.36 -16.88 -14.62
C PHE B 79 -5.41 -17.34 -13.16
N LYS B 80 -5.89 -18.56 -12.95
CA LYS B 80 -5.97 -19.09 -11.60
C LYS B 80 -4.60 -18.97 -10.93
N ASN B 81 -3.55 -19.20 -11.70
CA ASN B 81 -2.18 -19.15 -11.19
C ASN B 81 -1.79 -17.79 -10.65
N GLU B 82 -1.87 -16.77 -11.49
CA GLU B 82 -1.52 -15.42 -11.09
C GLU B 82 -2.18 -15.06 -9.77
N VAL B 83 -3.50 -15.16 -9.74
CA VAL B 83 -4.27 -14.86 -8.55
C VAL B 83 -3.82 -15.64 -7.32
N GLY B 84 -3.45 -16.91 -7.50
CA GLY B 84 -3.01 -17.72 -6.38
C GLY B 84 -1.75 -17.18 -5.72
N VAL B 85 -0.85 -16.63 -6.52
CA VAL B 85 0.40 -16.08 -6.01
C VAL B 85 0.21 -14.66 -5.46
N LEU B 86 -0.37 -13.78 -6.27
CA LEU B 86 -0.63 -12.40 -5.86
C LEU B 86 -1.30 -12.33 -4.50
N ARG B 87 -2.38 -13.08 -4.35
CA ARG B 87 -3.13 -13.10 -3.10
C ARG B 87 -2.35 -13.51 -1.85
N LYS B 88 -1.13 -14.01 -2.02
CA LYS B 88 -0.33 -14.43 -0.86
C LYS B 88 0.58 -13.29 -0.43
N THR B 89 0.50 -12.18 -1.14
CA THR B 89 1.36 -11.05 -0.86
C THR B 89 0.66 -9.80 -0.31
N ARG B 90 1.27 -9.22 0.73
CA ARG B 90 0.77 -8.01 1.40
C ARG B 90 1.98 -7.25 1.95
N HIS B 91 2.68 -6.57 1.05
CA HIS B 91 3.86 -5.83 1.44
C HIS B 91 3.93 -4.48 0.73
N VAL B 92 4.41 -3.47 1.44
CA VAL B 92 4.50 -2.11 0.91
C VAL B 92 5.29 -1.90 -0.40
N ASN B 93 6.18 -2.86 -0.71
CA ASN B 93 7.00 -2.79 -1.91
C ASN B 93 6.58 -3.78 -2.98
N ILE B 94 5.40 -4.35 -2.80
CA ILE B 94 4.85 -5.30 -3.76
C ILE B 94 3.58 -4.64 -4.27
N LEU B 95 3.28 -4.78 -5.56
CA LEU B 95 2.08 -4.16 -6.08
C LEU B 95 0.91 -4.74 -5.33
N LEU B 96 -0.02 -3.89 -4.91
CA LEU B 96 -1.18 -4.36 -4.15
C LEU B 96 -2.27 -5.06 -4.94
N PHE B 97 -2.47 -6.34 -4.64
CA PHE B 97 -3.51 -7.11 -5.30
C PHE B 97 -4.80 -6.71 -4.59
N MET B 98 -5.85 -6.41 -5.34
CA MET B 98 -7.11 -6.00 -4.73
C MET B 98 -8.27 -6.99 -4.89
N GLY B 99 -8.20 -7.85 -5.91
CA GLY B 99 -9.26 -8.81 -6.13
C GLY B 99 -9.33 -9.22 -7.58
N TYR B 100 -10.00 -10.33 -7.87
CA TYR B 100 -10.14 -10.81 -9.24
C TYR B 100 -11.60 -10.74 -9.63
N SER B 101 -11.91 -11.06 -10.88
CA SER B 101 -13.30 -11.01 -11.32
C SER B 101 -13.44 -11.98 -12.48
N THR B 102 -14.63 -12.56 -12.66
CA THR B 102 -14.82 -13.52 -13.74
C THR B 102 -16.15 -13.37 -14.48
N LYS B 103 -17.14 -12.73 -13.84
CA LYS B 103 -18.45 -12.57 -14.46
C LYS B 103 -18.43 -11.90 -15.82
N PRO B 104 -18.00 -10.64 -15.93
CA PRO B 104 -18.03 -10.12 -17.30
C PRO B 104 -16.97 -10.90 -18.11
N GLN B 105 -15.72 -10.77 -17.69
CA GLN B 105 -14.58 -11.45 -18.31
C GLN B 105 -13.54 -11.55 -17.19
N LEU B 106 -12.61 -12.50 -17.32
CA LEU B 106 -11.56 -12.68 -16.32
C LEU B 106 -10.78 -11.39 -16.14
N ALA B 107 -10.47 -11.03 -14.90
CA ALA B 107 -9.74 -9.80 -14.65
C ALA B 107 -9.10 -9.71 -13.28
N ILE B 108 -7.80 -9.43 -13.26
CA ILE B 108 -7.11 -9.28 -12.01
C ILE B 108 -6.96 -7.78 -11.83
N VAL B 109 -7.43 -7.27 -10.68
CA VAL B 109 -7.37 -5.85 -10.37
C VAL B 109 -6.33 -5.52 -9.31
N THR B 110 -5.56 -4.46 -9.52
CA THR B 110 -4.56 -4.04 -8.54
C THR B 110 -4.56 -2.51 -8.37
N GLN B 111 -3.82 -2.01 -7.40
CA GLN B 111 -3.78 -0.57 -7.18
C GLN B 111 -3.25 0.08 -8.43
N TRP B 112 -3.59 1.36 -8.63
CA TRP B 112 -3.13 2.09 -9.79
C TRP B 112 -1.85 2.80 -9.42
N CYS B 113 -0.75 2.43 -10.08
CA CYS B 113 0.54 3.08 -9.79
C CYS B 113 0.64 4.45 -10.43
N GLU B 114 0.92 5.46 -9.60
CA GLU B 114 1.03 6.83 -10.07
C GLU B 114 2.50 7.19 -10.31
N GLY B 115 2.98 6.96 -11.54
CA GLY B 115 4.35 7.26 -11.86
C GLY B 115 4.81 6.59 -13.14
N SER B 116 6.03 6.07 -13.16
CA SER B 116 6.58 5.39 -14.33
C SER B 116 7.53 4.30 -13.87
N SER B 117 7.66 3.23 -14.63
CA SER B 117 8.56 2.14 -14.25
C SER B 117 10.00 2.65 -14.15
N LEU B 118 10.84 1.92 -13.43
CA LEU B 118 12.25 2.26 -13.24
C LEU B 118 13.04 2.29 -14.55
N TYR B 119 12.60 1.45 -15.48
CA TYR B 119 13.21 1.33 -16.81
C TYR B 119 12.91 2.57 -17.61
N HIS B 120 11.68 3.07 -17.51
CA HIS B 120 11.31 4.26 -18.26
C HIS B 120 12.12 5.43 -17.76
N HIS B 121 12.27 5.55 -16.46
CA HIS B 121 13.03 6.64 -15.87
C HIS B 121 14.49 6.59 -16.33
N LEU B 122 15.16 5.49 -16.03
CA LEU B 122 16.56 5.29 -16.37
C LEU B 122 16.97 5.37 -17.84
N HIS B 123 16.14 4.85 -18.75
CA HIS B 123 16.47 4.80 -20.18
C HIS B 123 15.60 5.51 -21.20
N ILE B 124 14.45 6.03 -20.82
CA ILE B 124 13.62 6.72 -21.81
C ILE B 124 13.54 8.21 -21.53
N ILE B 125 13.28 8.60 -20.28
CA ILE B 125 13.23 10.02 -19.97
C ILE B 125 14.55 10.39 -19.30
N GLU B 126 15.46 9.43 -19.29
CA GLU B 126 16.79 9.63 -18.73
C GLU B 126 16.87 10.50 -17.47
N THR B 127 16.19 10.05 -16.42
CA THR B 127 16.17 10.75 -15.13
C THR B 127 17.50 10.59 -14.40
N LYS B 128 17.85 11.59 -13.59
CA LYS B 128 19.10 11.54 -12.84
C LYS B 128 18.89 11.61 -11.34
N PHE B 129 18.94 10.45 -10.69
CA PHE B 129 18.77 10.37 -9.24
C PHE B 129 20.16 10.41 -8.64
N GLU B 130 20.31 10.95 -7.43
CA GLU B 130 21.63 10.95 -6.79
C GLU B 130 21.87 9.59 -6.16
N MET B 131 23.09 9.37 -5.70
CA MET B 131 23.46 8.12 -5.12
C MET B 131 22.54 7.66 -3.97
N ILE B 132 22.01 8.58 -3.17
CA ILE B 132 21.12 8.21 -2.04
C ILE B 132 19.81 7.63 -2.53
N LYS B 133 19.14 8.38 -3.40
CA LYS B 133 17.87 7.96 -3.97
C LYS B 133 18.05 6.63 -4.69
N LEU B 134 19.22 6.44 -5.31
CA LEU B 134 19.51 5.22 -6.04
C LEU B 134 19.66 4.02 -5.12
N ILE B 135 20.31 4.23 -3.99
CA ILE B 135 20.50 3.16 -3.02
C ILE B 135 19.18 2.78 -2.37
N ASP B 136 18.25 3.73 -2.29
CA ASP B 136 16.95 3.44 -1.70
C ASP B 136 16.09 2.64 -2.67
N ILE B 137 16.20 2.96 -3.95
CA ILE B 137 15.47 2.24 -4.98
C ILE B 137 15.99 0.81 -5.01
N ALA B 138 17.27 0.65 -4.69
CA ALA B 138 17.87 -0.68 -4.65
C ALA B 138 17.42 -1.37 -3.39
N ARG B 139 17.55 -0.65 -2.27
CA ARG B 139 17.18 -1.16 -0.95
C ARG B 139 15.73 -1.56 -0.85
N GLN B 140 14.84 -0.77 -1.43
CA GLN B 140 13.41 -1.08 -1.42
C GLN B 140 13.13 -2.32 -2.28
N THR B 141 13.64 -2.35 -3.50
CA THR B 141 13.45 -3.50 -4.38
C THR B 141 13.85 -4.74 -3.62
N ALA B 142 15.00 -4.63 -2.98
CA ALA B 142 15.55 -5.71 -2.18
C ALA B 142 14.58 -6.09 -1.08
N GLN B 143 14.07 -5.07 -0.39
CA GLN B 143 13.10 -5.28 0.68
C GLN B 143 11.98 -6.16 0.15
N GLY B 144 11.42 -5.76 -0.98
CA GLY B 144 10.34 -6.49 -1.61
C GLY B 144 10.72 -7.91 -1.97
N MET B 145 11.84 -8.10 -2.65
CA MET B 145 12.29 -9.43 -3.05
C MET B 145 12.47 -10.39 -1.86
N ASP B 146 13.06 -9.90 -0.78
CA ASP B 146 13.24 -10.72 0.41
C ASP B 146 11.88 -11.22 0.86
N TYR B 147 10.89 -10.34 0.88
CA TYR B 147 9.54 -10.71 1.29
C TYR B 147 9.06 -11.88 0.44
N LEU B 148 8.95 -11.66 -0.86
CA LEU B 148 8.51 -12.68 -1.79
C LEU B 148 9.16 -14.04 -1.59
N HIS B 149 10.44 -14.04 -1.22
CA HIS B 149 11.15 -15.29 -1.01
C HIS B 149 10.82 -16.01 0.30
N ALA B 150 10.60 -15.25 1.36
CA ALA B 150 10.25 -15.85 2.65
C ALA B 150 8.88 -16.46 2.48
N LYS B 151 8.14 -15.92 1.52
CA LYS B 151 6.79 -16.36 1.20
C LYS B 151 6.85 -17.48 0.13
N SER B 152 8.07 -17.92 -0.19
CA SER B 152 8.32 -18.98 -1.17
C SER B 152 7.74 -18.67 -2.55
N ILE B 153 8.17 -17.56 -3.12
CA ILE B 153 7.71 -17.13 -4.42
C ILE B 153 8.93 -16.78 -5.26
N ILE B 154 8.99 -17.29 -6.49
CA ILE B 154 10.10 -16.96 -7.38
C ILE B 154 9.48 -16.10 -8.45
N HIS B 155 10.10 -14.96 -8.71
CA HIS B 155 9.56 -14.06 -9.69
C HIS B 155 9.72 -14.61 -11.07
N ARG B 156 10.95 -14.91 -11.45
CA ARG B 156 11.23 -15.45 -12.77
C ARG B 156 11.14 -14.43 -13.90
N ASP B 157 11.09 -13.16 -13.55
CA ASP B 157 11.02 -12.12 -14.57
C ASP B 157 11.16 -10.74 -13.92
N LEU B 158 12.19 -10.60 -13.11
CA LEU B 158 12.43 -9.33 -12.44
C LEU B 158 13.26 -8.46 -13.38
N LYS B 159 12.65 -7.42 -13.93
CA LYS B 159 13.36 -6.52 -14.84
C LYS B 159 13.20 -5.13 -14.30
N SER B 160 14.00 -4.21 -14.77
CA SER B 160 13.90 -2.83 -14.30
C SER B 160 12.68 -2.19 -14.95
N ASN B 161 11.83 -3.01 -15.56
CA ASN B 161 10.61 -2.52 -16.20
C ASN B 161 9.39 -3.05 -15.45
N ASN B 162 9.63 -3.92 -14.47
CA ASN B 162 8.56 -4.50 -13.67
C ASN B 162 8.61 -3.88 -12.28
N ILE B 163 9.49 -2.89 -12.11
CA ILE B 163 9.64 -2.18 -10.84
C ILE B 163 9.18 -0.74 -11.06
N PHE B 164 8.06 -0.37 -10.43
CA PHE B 164 7.52 0.97 -10.59
C PHE B 164 7.79 1.89 -9.40
N LEU B 165 7.99 3.17 -9.68
CA LEU B 165 8.23 4.16 -8.65
C LEU B 165 6.94 4.92 -8.37
N HIS B 166 6.08 4.34 -7.54
CA HIS B 166 4.80 4.95 -7.20
C HIS B 166 5.01 6.30 -6.50
N GLU B 167 4.38 7.34 -7.05
CA GLU B 167 4.50 8.69 -6.50
C GLU B 167 5.99 9.05 -6.47
N ASP B 168 6.68 8.66 -7.54
CA ASP B 168 8.10 8.88 -7.74
C ASP B 168 9.00 8.63 -6.53
N LEU B 169 8.49 7.92 -5.51
CA LEU B 169 9.32 7.64 -4.34
C LEU B 169 9.15 6.27 -3.65
N THR B 170 8.11 5.52 -4.00
CA THR B 170 7.91 4.18 -3.41
C THR B 170 8.09 3.08 -4.46
N VAL B 171 8.88 2.08 -4.15
CA VAL B 171 9.13 1.00 -5.09
C VAL B 171 8.10 -0.12 -4.94
N LYS B 172 7.43 -0.44 -6.04
CA LYS B 172 6.43 -1.50 -6.06
C LYS B 172 6.82 -2.53 -7.12
N ILE B 173 7.08 -3.77 -6.71
CA ILE B 173 7.45 -4.83 -7.65
C ILE B 173 6.18 -5.28 -8.37
N GLY B 174 6.30 -5.79 -9.59
CA GLY B 174 5.12 -6.21 -10.32
C GLY B 174 5.21 -7.40 -11.24
N ASP B 175 4.24 -7.47 -12.16
CA ASP B 175 4.12 -8.54 -13.15
C ASP B 175 4.51 -9.93 -12.63
N PHE B 176 3.54 -10.68 -12.15
CA PHE B 176 3.78 -12.01 -11.64
C PHE B 176 3.15 -13.06 -12.57
N GLY B 177 3.04 -12.69 -13.85
CA GLY B 177 2.46 -13.59 -14.83
C GLY B 177 3.25 -14.88 -15.00
N LEU B 178 4.44 -14.91 -14.42
CA LEU B 178 5.31 -16.06 -14.50
C LEU B 178 5.60 -16.54 -13.08
N ALA B 179 5.49 -15.64 -12.11
CA ALA B 179 5.74 -15.95 -10.72
C ALA B 179 5.15 -17.28 -10.29
N THR B 180 5.93 -18.06 -9.54
CA THR B 180 5.52 -19.37 -9.05
C THR B 180 5.79 -19.55 -7.55
N VAL B 181 5.01 -20.42 -6.90
CA VAL B 181 5.14 -20.68 -5.47
C VAL B 181 5.88 -22.01 -5.17
N LYS B 182 6.14 -22.80 -6.21
CA LYS B 182 6.84 -24.10 -6.10
C LYS B 182 6.39 -24.97 -4.92
N SER B 195 8.91 -13.94 -24.77
CA SER B 195 9.46 -13.01 -23.78
C SER B 195 10.91 -12.58 -24.09
N GLY B 196 11.04 -11.55 -24.94
CA GLY B 196 12.36 -11.06 -25.31
C GLY B 196 12.97 -10.06 -24.34
N SER B 197 13.14 -10.48 -23.08
CA SER B 197 13.75 -9.65 -22.05
C SER B 197 14.84 -10.53 -21.41
N ILE B 198 15.81 -10.92 -22.24
CA ILE B 198 16.91 -11.79 -21.85
C ILE B 198 18.10 -11.15 -21.14
N LEU B 199 18.19 -9.83 -21.16
CA LEU B 199 19.28 -9.13 -20.49
C LEU B 199 19.35 -9.46 -19.00
N TRP B 200 18.19 -9.78 -18.42
CA TRP B 200 18.10 -10.07 -17.00
C TRP B 200 18.17 -11.54 -16.60
N MET B 201 18.26 -12.44 -17.58
CA MET B 201 18.33 -13.88 -17.32
C MET B 201 19.70 -14.41 -16.88
N ALA B 202 19.74 -15.12 -15.76
CA ALA B 202 20.98 -15.70 -15.29
C ALA B 202 21.45 -16.66 -16.38
N PRO B 203 22.76 -16.97 -16.42
CA PRO B 203 23.30 -17.89 -17.42
C PRO B 203 22.61 -19.24 -17.53
N GLU B 204 22.38 -19.90 -16.38
CA GLU B 204 21.74 -21.21 -16.38
C GLU B 204 20.35 -21.20 -16.96
N VAL B 205 19.71 -20.03 -16.95
CA VAL B 205 18.36 -19.93 -17.48
C VAL B 205 18.44 -19.74 -18.97
N ILE B 206 19.17 -18.71 -19.36
CA ILE B 206 19.36 -18.36 -20.76
C ILE B 206 19.93 -19.55 -21.53
N ARG B 207 20.42 -20.52 -20.79
CA ARG B 207 21.02 -21.72 -21.36
C ARG B 207 19.99 -22.79 -21.60
N MET B 208 18.78 -22.58 -21.06
CA MET B 208 17.68 -23.54 -21.14
C MET B 208 18.26 -24.92 -20.75
N GLN B 209 19.23 -24.88 -19.84
CA GLN B 209 19.91 -26.07 -19.33
C GLN B 209 18.94 -27.20 -19.01
N ASP B 210 18.35 -27.15 -17.81
CA ASP B 210 17.39 -28.15 -17.34
C ASP B 210 15.95 -27.67 -17.59
N LYS B 211 14.99 -28.33 -16.95
CA LYS B 211 13.59 -27.93 -17.11
C LYS B 211 13.08 -27.28 -15.83
N ASN B 212 13.96 -26.49 -15.21
CA ASN B 212 13.66 -25.77 -13.98
C ASN B 212 14.94 -25.06 -13.53
N PRO B 213 15.44 -24.14 -14.37
CA PRO B 213 16.66 -23.35 -14.10
C PRO B 213 16.43 -22.23 -13.11
N TYR B 214 15.16 -21.97 -12.82
CA TYR B 214 14.75 -20.91 -11.91
C TYR B 214 14.93 -21.25 -10.44
N SER B 215 15.45 -20.28 -9.70
CA SER B 215 15.71 -20.43 -8.28
C SER B 215 15.83 -19.05 -7.66
N PHE B 216 16.06 -19.01 -6.35
CA PHE B 216 16.22 -17.74 -5.68
C PHE B 216 17.40 -17.03 -6.34
N GLN B 217 18.50 -17.78 -6.51
CA GLN B 217 19.70 -17.25 -7.09
C GLN B 217 19.48 -16.66 -8.49
N SER B 218 18.54 -17.22 -9.24
CA SER B 218 18.24 -16.70 -10.58
C SER B 218 17.66 -15.29 -10.43
N ASP B 219 16.80 -15.11 -9.43
CA ASP B 219 16.19 -13.80 -9.16
C ASP B 219 17.29 -12.84 -8.74
N VAL B 220 18.11 -13.25 -7.79
CA VAL B 220 19.22 -12.44 -7.31
C VAL B 220 20.01 -11.90 -8.49
N TYR B 221 20.20 -12.73 -9.51
CA TYR B 221 20.96 -12.33 -10.70
C TYR B 221 20.28 -11.14 -11.38
N ALA B 222 18.99 -11.28 -11.67
CA ALA B 222 18.25 -10.21 -12.30
C ALA B 222 18.40 -8.97 -11.44
N PHE B 223 18.40 -9.16 -10.12
CA PHE B 223 18.55 -8.04 -9.18
C PHE B 223 19.88 -7.38 -9.41
N GLY B 224 20.88 -8.20 -9.70
CA GLY B 224 22.22 -7.71 -9.96
C GLY B 224 22.20 -6.83 -11.20
N ILE B 225 21.55 -7.32 -12.26
CA ILE B 225 21.48 -6.53 -13.49
C ILE B 225 20.75 -5.23 -13.26
N VAL B 226 19.73 -5.22 -12.40
CA VAL B 226 19.02 -3.97 -12.12
C VAL B 226 19.94 -3.05 -11.32
N LEU B 227 20.83 -3.64 -10.53
CA LEU B 227 21.78 -2.85 -9.78
C LEU B 227 22.72 -2.20 -10.78
N TYR B 228 23.12 -2.95 -11.80
CA TYR B 228 23.99 -2.44 -12.84
C TYR B 228 23.33 -1.21 -13.42
N GLU B 229 22.08 -1.36 -13.84
CA GLU B 229 21.32 -0.27 -14.44
C GLU B 229 21.33 1.00 -13.61
N LEU B 230 21.00 0.87 -12.33
CA LEU B 230 20.98 1.99 -11.40
C LEU B 230 22.35 2.65 -11.24
N MET B 231 23.38 1.83 -11.07
CA MET B 231 24.74 2.32 -10.89
C MET B 231 25.48 2.80 -12.13
N THR B 232 24.93 2.55 -13.32
CA THR B 232 25.57 2.97 -14.57
C THR B 232 24.63 3.83 -15.37
N GLY B 233 23.35 3.52 -15.29
CA GLY B 233 22.34 4.27 -16.01
C GLY B 233 22.16 3.75 -17.42
N GLN B 234 22.83 2.64 -17.71
CA GLN B 234 22.76 2.03 -19.04
C GLN B 234 22.37 0.58 -19.00
N LEU B 235 21.98 0.04 -20.15
CA LEU B 235 21.64 -1.37 -20.26
C LEU B 235 22.92 -2.14 -20.61
N PRO B 236 23.08 -3.36 -20.07
CA PRO B 236 24.26 -4.15 -20.36
C PRO B 236 24.42 -4.44 -21.84
N TYR B 237 25.67 -4.54 -22.28
CA TYR B 237 25.97 -4.86 -23.66
C TYR B 237 25.46 -3.83 -24.66
N SER B 238 25.66 -2.55 -24.34
CA SER B 238 25.21 -1.49 -25.23
C SER B 238 26.09 -1.42 -26.46
N ASN B 239 27.16 -2.22 -26.46
CA ASN B 239 28.09 -2.24 -27.58
C ASN B 239 28.03 -3.52 -28.41
N ILE B 240 26.93 -4.26 -28.30
CA ILE B 240 26.76 -5.48 -29.07
C ILE B 240 25.35 -5.43 -29.67
N ASN B 241 25.29 -5.17 -30.98
CA ASN B 241 24.01 -5.04 -31.67
C ASN B 241 23.35 -6.31 -32.15
N ASN B 242 23.80 -7.46 -31.64
CA ASN B 242 23.24 -8.74 -32.04
C ASN B 242 22.77 -9.53 -30.83
N ARG B 243 21.46 -9.47 -30.57
CA ARG B 243 20.85 -10.15 -29.44
C ARG B 243 21.25 -11.62 -29.34
N ASP B 244 21.43 -12.25 -30.50
CA ASP B 244 21.80 -13.66 -30.53
C ASP B 244 23.17 -13.87 -29.94
N GLN B 245 24.15 -13.11 -30.42
CA GLN B 245 25.49 -13.23 -29.89
C GLN B 245 25.43 -13.04 -28.38
N ILE B 246 24.58 -12.13 -27.92
CA ILE B 246 24.49 -11.92 -26.48
C ILE B 246 23.95 -13.18 -25.80
N ILE B 247 22.78 -13.64 -26.23
CA ILE B 247 22.18 -14.83 -25.65
C ILE B 247 23.15 -16.02 -25.64
N PHE B 248 23.95 -16.13 -26.70
CA PHE B 248 24.90 -17.23 -26.81
C PHE B 248 26.01 -17.15 -25.79
N MET B 249 26.75 -16.04 -25.84
CA MET B 249 27.88 -15.80 -24.94
C MET B 249 27.51 -15.83 -23.48
N VAL B 250 26.59 -14.97 -23.08
CA VAL B 250 26.17 -14.92 -21.68
C VAL B 250 25.92 -16.32 -21.16
N GLY B 251 25.38 -17.16 -22.02
CA GLY B 251 25.11 -18.53 -21.66
C GLY B 251 26.38 -19.32 -21.42
N ARG B 252 27.33 -19.17 -22.33
CA ARG B 252 28.59 -19.88 -22.22
C ARG B 252 29.49 -19.37 -21.08
N GLY B 253 29.40 -18.08 -20.79
CA GLY B 253 30.21 -17.49 -19.74
C GLY B 253 31.29 -16.57 -20.32
N TYR B 254 31.25 -16.38 -21.63
CA TYR B 254 32.21 -15.52 -22.31
C TYR B 254 31.91 -14.06 -22.01
N LEU B 255 30.65 -13.68 -22.18
CA LEU B 255 30.25 -12.31 -21.96
C LEU B 255 29.73 -12.12 -20.55
N SER B 256 30.04 -10.97 -19.99
CA SER B 256 29.61 -10.61 -18.65
C SER B 256 29.53 -9.10 -18.56
N PRO B 257 28.65 -8.58 -17.69
CA PRO B 257 28.50 -7.14 -17.52
C PRO B 257 29.82 -6.48 -17.18
N ASP B 258 30.12 -5.38 -17.86
CA ASP B 258 31.34 -4.63 -17.66
C ASP B 258 31.12 -3.68 -16.49
N LEU B 259 31.66 -4.05 -15.34
CA LEU B 259 31.48 -3.26 -14.12
C LEU B 259 32.33 -2.00 -14.01
N SER B 260 33.34 -1.85 -14.84
CA SER B 260 34.21 -0.68 -14.80
C SER B 260 33.53 0.63 -15.20
N LYS B 261 32.23 0.58 -15.49
CA LYS B 261 31.52 1.79 -15.88
C LYS B 261 30.50 2.28 -14.86
N VAL B 262 30.67 1.85 -13.60
CA VAL B 262 29.79 2.27 -12.52
C VAL B 262 30.19 3.71 -12.22
N ARG B 263 29.24 4.56 -11.83
CA ARG B 263 29.53 5.97 -11.53
C ARG B 263 30.63 6.08 -10.46
N SER B 264 31.47 7.11 -10.58
CA SER B 264 32.58 7.32 -9.64
C SER B 264 32.12 7.44 -8.20
N ASN B 265 31.05 8.20 -7.98
CA ASN B 265 30.52 8.41 -6.64
C ASN B 265 29.85 7.18 -6.02
N CYS B 266 29.93 6.05 -6.70
CA CYS B 266 29.35 4.82 -6.19
C CYS B 266 30.26 4.23 -5.12
N PRO B 267 29.68 3.70 -4.04
CA PRO B 267 30.45 3.10 -2.95
C PRO B 267 31.13 1.79 -3.36
N LYS B 268 32.35 1.55 -2.88
CA LYS B 268 33.07 0.33 -3.21
C LYS B 268 32.36 -0.92 -2.69
N ALA B 269 31.40 -0.74 -1.80
CA ALA B 269 30.66 -1.87 -1.27
C ALA B 269 29.45 -2.21 -2.14
N MET B 270 28.91 -1.22 -2.84
CA MET B 270 27.79 -1.50 -3.74
C MET B 270 28.38 -2.23 -4.93
N LYS B 271 29.46 -1.68 -5.46
CA LYS B 271 30.13 -2.28 -6.61
C LYS B 271 30.51 -3.71 -6.25
N ARG B 272 31.02 -3.91 -5.04
CA ARG B 272 31.41 -5.24 -4.62
C ARG B 272 30.19 -6.16 -4.62
N LEU B 273 29.09 -5.71 -4.02
CA LEU B 273 27.85 -6.51 -3.95
C LEU B 273 27.31 -6.87 -5.34
N MET B 274 27.28 -5.88 -6.22
CA MET B 274 26.81 -6.04 -7.58
C MET B 274 27.50 -7.22 -8.24
N ALA B 275 28.81 -7.34 -7.99
CA ALA B 275 29.61 -8.42 -8.55
C ALA B 275 29.22 -9.78 -7.99
N GLU B 276 28.83 -9.81 -6.72
CA GLU B 276 28.44 -11.06 -6.07
C GLU B 276 27.10 -11.58 -6.55
N CYS B 277 26.14 -10.69 -6.78
CA CYS B 277 24.84 -11.12 -7.24
C CYS B 277 24.94 -11.55 -8.70
N LEU B 278 25.97 -11.04 -9.38
CA LEU B 278 26.19 -11.37 -10.78
C LEU B 278 27.08 -12.60 -11.04
N LYS B 279 27.54 -13.29 -9.99
CA LYS B 279 28.39 -14.46 -10.17
C LYS B 279 27.85 -15.42 -11.24
N LYS B 280 28.71 -15.79 -12.20
CA LYS B 280 28.33 -16.68 -13.28
C LYS B 280 27.86 -18.05 -12.83
N LYS B 281 28.29 -18.47 -11.65
CA LYS B 281 27.91 -19.76 -11.12
C LYS B 281 26.81 -19.61 -10.07
N ARG B 282 25.61 -20.06 -10.41
CA ARG B 282 24.45 -19.98 -9.52
C ARG B 282 24.75 -19.99 -8.01
N ASP B 283 25.20 -21.13 -7.52
CA ASP B 283 25.48 -21.37 -6.11
C ASP B 283 26.39 -20.39 -5.35
N GLU B 284 26.96 -19.40 -6.02
CA GLU B 284 27.83 -18.46 -5.33
C GLU B 284 27.12 -17.16 -5.01
N ARG B 285 26.00 -16.96 -5.68
CA ARG B 285 25.21 -15.74 -5.48
C ARG B 285 24.57 -15.73 -4.12
N PRO B 286 24.65 -14.60 -3.42
CA PRO B 286 24.06 -14.46 -2.09
C PRO B 286 22.54 -14.44 -2.21
N LEU B 287 21.85 -14.52 -1.07
CA LEU B 287 20.41 -14.47 -1.08
C LEU B 287 19.98 -13.11 -0.55
N PHE B 288 18.72 -12.76 -0.72
CA PHE B 288 18.26 -11.44 -0.30
C PHE B 288 18.41 -11.03 1.16
N PRO B 289 18.24 -11.98 2.10
CA PRO B 289 18.41 -11.58 3.50
C PRO B 289 19.79 -10.95 3.64
N GLN B 290 20.79 -11.62 3.06
CA GLN B 290 22.18 -11.18 3.11
C GLN B 290 22.41 -9.94 2.24
N ILE B 291 21.70 -9.86 1.13
CA ILE B 291 21.82 -8.72 0.22
C ILE B 291 21.17 -7.49 0.87
N LEU B 292 19.95 -7.69 1.35
CA LEU B 292 19.20 -6.63 2.01
C LEU B 292 20.03 -6.08 3.16
N ALA B 293 20.77 -6.97 3.80
CA ALA B 293 21.63 -6.61 4.93
C ALA B 293 22.81 -5.75 4.51
N SER B 294 23.41 -6.08 3.36
CA SER B 294 24.56 -5.35 2.82
C SER B 294 24.14 -3.99 2.29
N ILE B 295 22.94 -3.90 1.74
CA ILE B 295 22.45 -2.64 1.20
C ILE B 295 22.02 -1.71 2.33
N GLU B 296 21.66 -2.28 3.46
CA GLU B 296 21.25 -1.48 4.61
C GLU B 296 22.42 -0.89 5.38
N LEU B 297 23.57 -1.54 5.30
CA LEU B 297 24.76 -1.05 6.00
C LEU B 297 25.44 0.11 5.26
N LEU B 298 25.50 0.04 3.93
CA LEU B 298 26.12 1.11 3.16
C LEU B 298 25.15 2.29 3.10
N ALA B 299 23.88 2.03 3.43
CA ALA B 299 22.85 3.07 3.41
C ALA B 299 23.19 4.14 4.44
N ARG B 300 23.23 3.75 5.71
CA ARG B 300 23.53 4.67 6.81
C ARG B 300 24.75 5.54 6.51
N SER B 301 25.93 4.98 6.75
CA SER B 301 27.19 5.69 6.50
C SER B 301 27.34 6.00 5.01
N LEU B 302 26.87 7.17 4.59
CA LEU B 302 26.96 7.58 3.19
C LEU B 302 28.29 8.24 2.81
N PRO B 303 28.71 9.28 3.54
CA PRO B 303 28.09 9.94 4.71
C PRO B 303 27.09 11.04 4.31
N LYS B 304 27.61 12.22 3.96
CA LYS B 304 26.81 13.37 3.55
C LYS B 304 27.71 14.49 3.03
O RSW C . 3.45 5.26 11.85
CL RSW C . 4.76 9.48 18.27
RU RSW C . 3.42 10.44 16.80
C1 RSW C . 3.19 8.41 15.08
N2 RSW C . 4.04 9.48 15.27
O2 RSW C . -0.12 4.43 14.57
C3 RSW C . 5.02 9.39 14.22
O3 RSW C . 2.04 12.40 20.07
C4 RSW C . 6.18 10.23 13.90
O4 RSW C . 4.12 13.06 19.92
C5 RSW C . 6.99 9.85 12.75
C6 RSW C . 6.67 8.70 11.96
C7 RSW C . 5.53 7.86 12.28
C8 RSW C . 4.71 8.21 13.41
C9 RSW C . 3.53 7.58 13.96
C10 RSW C . 2.61 6.42 13.77
C11 RSW C . 2.61 5.39 12.80
N12 RSW C . 1.57 4.52 13.00
C13 RSW C . 0.92 5.00 14.09
C14 RSW C . 1.49 6.17 14.64
C15 RSW C . 1.18 7.06 15.77
C16 RSW C . 0.09 6.96 16.74
C17 RSW C . -0.03 7.94 17.80
C18 RSW C . 0.91 9.04 17.92
N19 RSW C . 1.98 9.16 16.98
C20 RSW C . 2.09 8.21 15.96
C21 RSW C . -1.14 7.83 18.79
C22 RSW C . 2.93 12.26 17.86
C23 RSW C . 4.07 12.47 17.03
C24 RSW C . 4.01 12.18 15.67
C25 RSW C . 2.82 11.66 15.09
C26 RSW C . 1.70 11.46 15.89
C27 RSW C . 1.75 11.74 17.27
C28 RSW C . 3.01 12.57 19.33
#